data_1EE1
#
_entry.id   1EE1
#
_cell.length_a   52.98
_cell.length_b   86.69
_cell.length_c   60.48
_cell.angle_alpha   90.0
_cell.angle_beta   111.18
_cell.angle_gamma   90.0
#
_symmetry.space_group_name_H-M   'P 1 21 1'
#
loop_
_entity.id
_entity.type
_entity.pdbx_description
1 polymer 'NH(3)-DEPENDENT NAD(+) SYNTHETASE'
2 non-polymer 'MAGNESIUM ION'
3 non-polymer 'NICOTINIC ACID ADENINE DINUCLEOTIDE'
4 non-polymer "ADENOSINE-5'-TRIPHOSPHATE"
5 water water
#
_entity_poly.entity_id   1
_entity_poly.type   'polypeptide(L)'
_entity_poly.pdbx_seq_one_letter_code
;SMQEKIMRELHVKPSIDPKQEIEDRVNFLKQYVKKTGAKGFVLGISGGQDSTLAGRLAQLAVESIREEGGDAQFIAVRLP
HGTQQDEDDAQLALKFIKPDKSWKFDIKSTVSAFSDQYQQETGDQLTDFNKGNVKARTRMIAQYAIGGQEGLLVLGTDHA
AEAVTGFFTKYGDGGADLLPLTGLTKRQGRTLLKELGAPERLYLKEPTADLLDEKPQQSDETELGISYDEIDDYLEGKEV
SAKVSEALEKRYSMTEHKRQVPASMFDDWWK
;
_entity_poly.pdbx_strand_id   A,B
#
# COMPACT_ATOMS: atom_id res chain seq x y z
N SER A 1 29.63 0.89 3.50
CA SER A 1 29.27 -0.40 4.16
C SER A 1 27.77 -0.62 3.95
N MET A 2 27.39 -1.84 3.58
CA MET A 2 25.98 -2.14 3.38
C MET A 2 25.18 -2.07 4.69
N GLN A 3 25.76 -2.64 5.75
CA GLN A 3 25.16 -2.70 7.09
C GLN A 3 24.89 -1.27 7.51
N GLU A 4 25.92 -0.44 7.39
CA GLU A 4 25.83 0.99 7.73
C GLU A 4 24.75 1.73 6.90
N LYS A 5 24.64 1.40 5.61
CA LYS A 5 23.62 2.04 4.75
C LYS A 5 22.21 1.60 5.11
N ILE A 6 22.03 0.31 5.32
CA ILE A 6 20.73 -0.23 5.70
C ILE A 6 20.32 0.37 7.05
N MET A 7 21.27 0.56 7.97
CA MET A 7 20.95 1.15 9.25
C MET A 7 20.43 2.58 9.11
N ARG A 8 21.10 3.40 8.30
CA ARG A 8 20.66 4.77 8.12
C ARG A 8 19.31 4.83 7.41
N GLU A 9 19.12 4.01 6.39
CA GLU A 9 17.86 4.04 5.65
C GLU A 9 16.66 3.58 6.44
N LEU A 10 16.87 2.66 7.38
CA LEU A 10 15.79 2.18 8.20
C LEU A 10 15.68 2.97 9.50
N HIS A 11 16.58 3.94 9.69
CA HIS A 11 16.59 4.84 10.84
C HIS A 11 16.81 4.17 12.19
N VAL A 12 17.65 3.15 12.20
CA VAL A 12 17.94 2.41 13.40
C VAL A 12 19.01 3.08 14.24
N LYS A 13 18.79 3.09 15.55
CA LYS A 13 19.74 3.64 16.49
C LYS A 13 20.36 2.40 17.11
N PRO A 14 21.69 2.36 17.19
CA PRO A 14 22.32 1.18 17.79
C PRO A 14 22.06 1.14 19.30
N SER A 15 21.86 2.31 19.88
CA SER A 15 21.63 2.43 21.31
C SER A 15 20.47 3.39 21.55
N ILE A 16 19.49 2.94 22.31
CA ILE A 16 18.35 3.79 22.61
C ILE A 16 18.16 4.03 24.10
N ASP A 17 17.45 5.11 24.39
CA ASP A 17 17.06 5.46 25.75
C ASP A 17 15.56 5.13 25.62
N PRO A 18 15.11 4.01 26.21
CA PRO A 18 13.72 3.55 26.17
C PRO A 18 12.69 4.63 26.51
N LYS A 19 12.91 5.35 27.59
CA LYS A 19 12.03 6.42 28.02
C LYS A 19 11.91 7.52 26.97
N GLN A 20 13.04 7.94 26.41
CA GLN A 20 13.01 8.99 25.40
C GLN A 20 12.31 8.53 24.11
N GLU A 21 12.52 7.27 23.73
CA GLU A 21 11.91 6.72 22.52
C GLU A 21 10.39 6.76 22.62
N ILE A 22 9.86 6.43 23.79
CA ILE A 22 8.42 6.46 24.02
C ILE A 22 7.95 7.91 23.91
N GLU A 23 8.65 8.83 24.56
CA GLU A 23 8.27 10.23 24.52
C GLU A 23 8.25 10.75 23.08
N ASP A 24 9.29 10.42 22.31
CA ASP A 24 9.45 10.83 20.92
C ASP A 24 8.32 10.32 20.03
N ARG A 25 8.00 9.04 20.19
CA ARG A 25 6.99 8.37 19.37
C ARG A 25 5.56 8.75 19.71
N VAL A 26 5.32 9.03 20.98
CA VAL A 26 4.01 9.50 21.41
C VAL A 26 3.88 10.95 20.89
N ASN A 27 4.96 11.73 20.97
CA ASN A 27 4.94 13.12 20.50
C ASN A 27 4.74 13.14 18.99
N PHE A 28 5.32 12.17 18.28
CA PHE A 28 5.14 12.10 16.82
C PHE A 28 3.64 11.89 16.52
N LEU A 29 3.03 10.95 17.21
CA LEU A 29 1.61 10.66 17.01
C LEU A 29 0.74 11.91 17.26
N LYS A 30 1.05 12.65 18.34
CA LYS A 30 0.33 13.87 18.68
C LYS A 30 0.55 14.96 17.64
N GLN A 31 1.79 15.17 17.25
CA GLN A 31 2.09 16.20 16.26
C GLN A 31 1.38 15.91 14.95
N TYR A 32 1.40 14.65 14.52
CA TYR A 32 0.78 14.29 13.26
C TYR A 32 -0.72 14.53 13.30
N VAL A 33 -1.36 14.12 14.39
CA VAL A 33 -2.78 14.31 14.57
C VAL A 33 -3.16 15.79 14.48
N LYS A 34 -2.42 16.64 15.18
CA LYS A 34 -2.68 18.07 15.21
C LYS A 34 -2.54 18.70 13.83
N LYS A 35 -1.48 18.33 13.13
CA LYS A 35 -1.19 18.86 11.79
C LYS A 35 -2.30 18.53 10.80
N THR A 36 -2.81 17.31 10.88
CA THR A 36 -3.85 16.86 9.95
C THR A 36 -5.29 17.16 10.38
N GLY A 37 -5.49 17.43 11.66
CA GLY A 37 -6.84 17.67 12.14
C GLY A 37 -7.64 16.38 12.17
N ALA A 38 -6.93 15.25 12.18
CA ALA A 38 -7.60 13.95 12.22
C ALA A 38 -8.23 13.78 13.59
N LYS A 39 -9.15 12.85 13.71
CA LYS A 39 -9.82 12.64 14.98
C LYS A 39 -9.17 11.59 15.86
N GLY A 40 -8.13 10.95 15.36
CA GLY A 40 -7.50 9.93 16.17
C GLY A 40 -6.95 8.81 15.31
N PHE A 41 -6.93 7.60 15.86
CA PHE A 41 -6.35 6.46 15.19
C PHE A 41 -7.16 5.18 15.27
N VAL A 42 -6.85 4.25 14.37
CA VAL A 42 -7.47 2.94 14.36
C VAL A 42 -6.32 1.98 14.06
N LEU A 43 -6.28 0.87 14.80
CA LEU A 43 -5.23 -0.12 14.61
C LEU A 43 -5.71 -1.52 14.92
N GLY A 44 -5.40 -2.46 14.04
CA GLY A 44 -5.79 -3.85 14.25
C GLY A 44 -4.92 -4.39 15.38
N ILE A 45 -5.51 -5.03 16.37
CA ILE A 45 -4.78 -5.58 17.50
C ILE A 45 -4.77 -7.10 17.35
N SER A 46 -3.60 -7.67 17.09
CA SER A 46 -3.48 -9.12 16.87
C SER A 46 -3.12 -9.99 18.10
N GLY A 47 -2.57 -9.35 19.12
CA GLY A 47 -2.13 -10.08 20.30
C GLY A 47 -0.62 -10.29 20.22
N GLY A 48 -0.01 -9.77 19.14
CA GLY A 48 1.42 -9.89 18.94
C GLY A 48 2.15 -8.68 19.50
N GLN A 49 3.45 -8.80 19.70
CA GLN A 49 4.25 -7.71 20.25
C GLN A 49 4.12 -6.33 19.57
N ASP A 50 4.16 -6.31 18.24
CA ASP A 50 4.12 -5.03 17.51
C ASP A 50 2.85 -4.19 17.62
N SER A 51 1.68 -4.81 17.47
CA SER A 51 0.46 -4.05 17.57
C SER A 51 0.18 -3.68 19.02
N THR A 52 0.70 -4.49 19.95
CA THR A 52 0.53 -4.23 21.37
C THR A 52 1.29 -2.95 21.69
N LEU A 53 2.53 -2.87 21.23
CA LEU A 53 3.33 -1.68 21.45
C LEU A 53 2.75 -0.45 20.71
N ALA A 54 2.46 -0.56 19.42
CA ALA A 54 1.92 0.57 18.68
C ALA A 54 0.59 0.98 19.34
N GLY A 55 -0.21 -0.01 19.72
CA GLY A 55 -1.49 0.26 20.33
C GLY A 55 -1.35 1.07 21.59
N ARG A 56 -0.44 0.68 22.46
CA ARG A 56 -0.27 1.40 23.71
C ARG A 56 0.17 2.83 23.45
N LEU A 57 1.03 3.01 22.43
CA LEU A 57 1.55 4.34 22.10
C LEU A 57 0.44 5.25 21.63
N ALA A 58 -0.47 4.70 20.81
CA ALA A 58 -1.61 5.44 20.27
C ALA A 58 -2.56 5.85 21.40
N GLN A 59 -2.75 4.98 22.38
CA GLN A 59 -3.63 5.30 23.52
C GLN A 59 -3.00 6.38 24.36
N LEU A 60 -1.69 6.32 24.56
CA LEU A 60 -1.01 7.35 25.35
C LEU A 60 -1.05 8.70 24.63
N ALA A 61 -0.93 8.69 23.29
CA ALA A 61 -0.94 9.93 22.52
C ALA A 61 -2.31 10.60 22.63
N VAL A 62 -3.34 9.79 22.45
CA VAL A 62 -4.74 10.21 22.51
C VAL A 62 -5.11 10.76 23.91
N GLU A 63 -4.65 10.11 24.96
CA GLU A 63 -4.93 10.60 26.30
C GLU A 63 -4.17 11.90 26.52
N SER A 64 -2.94 11.97 26.02
CA SER A 64 -2.16 13.17 26.19
C SER A 64 -2.81 14.34 25.46
N ILE A 65 -3.35 14.09 24.26
CA ILE A 65 -4.03 15.12 23.49
C ILE A 65 -5.26 15.66 24.23
N ARG A 66 -6.09 14.75 24.76
CA ARG A 66 -7.30 15.14 25.51
C ARG A 66 -6.96 15.94 26.74
N GLU A 67 -5.90 15.52 27.41
CA GLU A 67 -5.42 16.18 28.61
C GLU A 67 -5.11 17.65 28.34
N GLU A 68 -4.61 17.93 27.14
CA GLU A 68 -4.25 19.28 26.73
C GLU A 68 -5.46 20.09 26.27
N GLY A 69 -6.62 19.45 26.22
CA GLY A 69 -7.82 20.14 25.79
C GLY A 69 -8.25 19.77 24.39
N GLY A 70 -7.53 18.83 23.80
CA GLY A 70 -7.84 18.41 22.46
C GLY A 70 -8.90 17.33 22.41
N ASP A 71 -9.21 16.91 21.20
CA ASP A 71 -10.20 15.89 20.95
C ASP A 71 -9.56 14.82 20.09
N ALA A 72 -9.49 13.59 20.58
CA ALA A 72 -8.89 12.50 19.82
C ALA A 72 -9.36 11.19 20.44
N GLN A 73 -9.51 10.16 19.60
CA GLN A 73 -9.93 8.86 20.09
C GLN A 73 -9.12 7.78 19.41
N PHE A 74 -9.12 6.62 20.03
CA PHE A 74 -8.40 5.48 19.52
C PHE A 74 -9.28 4.24 19.50
N ILE A 75 -9.44 3.67 18.31
CA ILE A 75 -10.23 2.46 18.15
C ILE A 75 -9.30 1.28 17.83
N ALA A 76 -9.23 0.33 18.74
CA ALA A 76 -8.44 -0.87 18.57
C ALA A 76 -9.43 -1.87 17.98
N VAL A 77 -9.03 -2.60 16.95
CA VAL A 77 -9.92 -3.56 16.29
C VAL A 77 -9.35 -4.97 16.25
N ARG A 78 -10.16 -5.95 16.62
CA ARG A 78 -9.76 -7.36 16.55
C ARG A 78 -10.18 -7.73 15.14
N LEU A 79 -9.27 -8.33 14.37
CA LEU A 79 -9.57 -8.72 12.99
C LEU A 79 -9.35 -10.22 12.76
N PRO A 80 -10.11 -11.06 13.49
CA PRO A 80 -9.91 -12.49 13.30
C PRO A 80 -10.49 -12.97 11.98
N HIS A 81 -9.99 -14.10 11.53
CA HIS A 81 -10.46 -14.75 10.33
C HIS A 81 -11.11 -15.97 10.98
N GLY A 82 -12.38 -15.85 11.32
CA GLY A 82 -13.06 -16.95 11.99
C GLY A 82 -12.59 -16.97 13.44
N THR A 83 -12.05 -18.09 13.88
CA THR A 83 -11.56 -18.21 15.25
C THR A 83 -10.05 -18.00 15.26
N GLN A 84 -9.56 -17.14 16.14
CA GLN A 84 -8.13 -16.89 16.22
C GLN A 84 -7.59 -17.81 17.32
N GLN A 85 -6.64 -18.65 16.94
CA GLN A 85 -6.00 -19.60 17.83
C GLN A 85 -5.50 -18.96 19.12
N ASP A 86 -4.93 -17.77 19.03
CA ASP A 86 -4.45 -17.08 20.21
C ASP A 86 -5.31 -15.88 20.61
N GLU A 87 -6.62 -15.97 20.38
CA GLU A 87 -7.53 -14.91 20.73
C GLU A 87 -7.27 -14.41 22.17
N ASP A 88 -6.96 -15.32 23.08
CA ASP A 88 -6.69 -14.95 24.47
C ASP A 88 -5.56 -13.94 24.58
N ASP A 89 -4.56 -14.04 23.70
CA ASP A 89 -3.43 -13.10 23.69
C ASP A 89 -3.90 -11.73 23.23
N ALA A 90 -4.81 -11.71 22.27
CA ALA A 90 -5.35 -10.45 21.74
C ALA A 90 -6.16 -9.78 22.85
N GLN A 91 -6.87 -10.56 23.65
CA GLN A 91 -7.66 -10.03 24.74
C GLN A 91 -6.73 -9.50 25.82
N LEU A 92 -5.61 -10.19 26.03
CA LEU A 92 -4.62 -9.76 27.01
C LEU A 92 -4.06 -8.39 26.56
N ALA A 93 -3.73 -8.31 25.27
CA ALA A 93 -3.21 -7.07 24.69
C ALA A 93 -4.17 -5.93 24.94
N LEU A 94 -5.46 -6.17 24.74
CA LEU A 94 -6.48 -5.14 24.95
C LEU A 94 -6.52 -4.68 26.41
N LYS A 95 -6.39 -5.65 27.31
CA LYS A 95 -6.41 -5.38 28.75
C LYS A 95 -5.25 -4.46 29.11
N PHE A 96 -4.13 -4.64 28.42
CA PHE A 96 -2.95 -3.81 28.64
C PHE A 96 -3.07 -2.43 27.97
N ILE A 97 -3.49 -2.44 26.71
CA ILE A 97 -3.63 -1.21 25.93
C ILE A 97 -4.66 -0.27 26.53
N LYS A 98 -5.77 -0.84 26.98
CA LYS A 98 -6.86 -0.05 27.55
C LYS A 98 -7.30 1.00 26.52
N PRO A 99 -7.69 0.57 25.31
CA PRO A 99 -8.11 1.56 24.32
C PRO A 99 -9.47 2.22 24.62
N ASP A 100 -9.69 3.40 24.04
CA ASP A 100 -10.96 4.11 24.19
C ASP A 100 -12.09 3.20 23.73
N LYS A 101 -11.90 2.56 22.59
CA LYS A 101 -12.90 1.68 22.01
C LYS A 101 -12.24 0.41 21.50
N SER A 102 -12.95 -0.71 21.68
CA SER A 102 -12.50 -2.02 21.23
C SER A 102 -13.56 -2.53 20.29
N TRP A 103 -13.22 -2.63 19.02
CA TRP A 103 -14.16 -3.14 18.02
C TRP A 103 -13.62 -4.47 17.48
N LYS A 104 -14.46 -5.16 16.73
CA LYS A 104 -14.11 -6.44 16.13
C LYS A 104 -14.71 -6.49 14.72
N PHE A 105 -13.97 -7.09 13.79
CA PHE A 105 -14.47 -7.25 12.44
C PHE A 105 -13.88 -8.55 11.98
N ASP A 106 -14.74 -9.52 11.78
CA ASP A 106 -14.34 -10.84 11.32
C ASP A 106 -14.20 -10.77 9.81
N ILE A 107 -13.00 -11.02 9.31
CA ILE A 107 -12.75 -10.95 7.87
C ILE A 107 -13.06 -12.21 7.06
N LYS A 108 -13.49 -13.27 7.75
CA LYS A 108 -13.76 -14.55 7.10
C LYS A 108 -14.73 -14.58 5.93
N SER A 109 -15.90 -13.94 6.07
CA SER A 109 -16.90 -13.95 5.03
C SER A 109 -16.46 -13.18 3.80
N THR A 110 -15.70 -12.11 4.02
CA THR A 110 -15.18 -11.30 2.91
C THR A 110 -14.14 -12.13 2.14
N VAL A 111 -13.20 -12.74 2.85
CA VAL A 111 -12.16 -13.55 2.23
C VAL A 111 -12.77 -14.78 1.52
N SER A 112 -13.80 -15.36 2.12
CA SER A 112 -14.47 -16.52 1.53
C SER A 112 -15.22 -16.16 0.26
N ALA A 113 -15.88 -14.99 0.26
CA ALA A 113 -16.62 -14.52 -0.90
C ALA A 113 -15.63 -14.31 -2.03
N PHE A 114 -14.49 -13.73 -1.68
CA PHE A 114 -13.41 -13.45 -2.63
C PHE A 114 -12.86 -14.73 -3.24
N SER A 115 -12.42 -15.64 -2.39
CA SER A 115 -11.86 -16.92 -2.85
C SER A 115 -12.84 -17.68 -3.74
N ASP A 116 -14.10 -17.73 -3.33
CA ASP A 116 -15.11 -18.42 -4.09
C ASP A 116 -15.23 -17.79 -5.47
N GLN A 117 -15.29 -16.46 -5.50
CA GLN A 117 -15.42 -15.72 -6.74
C GLN A 117 -14.18 -15.98 -7.62
N TYR A 118 -13.02 -16.08 -6.98
CA TYR A 118 -11.78 -16.33 -7.69
C TYR A 118 -11.85 -17.68 -8.42
N GLN A 119 -12.24 -18.73 -7.70
CA GLN A 119 -12.36 -20.06 -8.28
C GLN A 119 -13.40 -20.06 -9.41
N GLN A 120 -14.50 -19.33 -9.19
CA GLN A 120 -15.58 -19.22 -10.17
C GLN A 120 -15.14 -18.50 -11.46
N GLU A 121 -14.35 -17.45 -11.30
CA GLU A 121 -13.89 -16.65 -12.44
C GLU A 121 -12.74 -17.23 -13.24
N THR A 122 -11.84 -17.96 -12.57
CA THR A 122 -10.65 -18.48 -13.22
C THR A 122 -10.59 -19.99 -13.35
N GLY A 123 -11.39 -20.68 -12.55
CA GLY A 123 -11.35 -22.12 -12.57
C GLY A 123 -10.23 -22.58 -11.65
N ASP A 124 -9.43 -21.65 -11.14
CA ASP A 124 -8.34 -22.00 -10.25
C ASP A 124 -8.72 -21.63 -8.85
N GLN A 125 -8.10 -22.33 -7.92
CA GLN A 125 -8.32 -22.11 -6.51
C GLN A 125 -7.12 -21.32 -5.99
N LEU A 126 -7.35 -20.30 -5.17
CA LEU A 126 -6.26 -19.53 -4.61
C LEU A 126 -5.39 -20.43 -3.77
N THR A 127 -4.08 -20.25 -3.87
CA THR A 127 -3.15 -21.04 -3.10
C THR A 127 -3.23 -20.51 -1.68
N ASP A 128 -2.83 -21.33 -0.70
CA ASP A 128 -2.84 -20.93 0.71
C ASP A 128 -2.06 -19.64 0.92
N PHE A 129 -0.90 -19.55 0.27
CA PHE A 129 -0.04 -18.38 0.38
C PHE A 129 -0.75 -17.13 -0.17
N ASN A 130 -1.36 -17.24 -1.33
CA ASN A 130 -2.05 -16.10 -1.93
C ASN A 130 -3.30 -15.69 -1.16
N LYS A 131 -3.98 -16.67 -0.59
CA LYS A 131 -5.17 -16.37 0.20
C LYS A 131 -4.70 -15.63 1.47
N GLY A 132 -3.51 -15.96 1.94
CA GLY A 132 -2.97 -15.32 3.12
C GLY A 132 -2.80 -13.84 2.87
N ASN A 133 -2.38 -13.50 1.66
CA ASN A 133 -2.19 -12.11 1.33
C ASN A 133 -3.51 -11.40 1.15
N VAL A 134 -4.55 -12.14 0.74
CA VAL A 134 -5.90 -11.56 0.61
C VAL A 134 -6.41 -11.18 2.02
N LYS A 135 -6.09 -12.02 3.01
CA LYS A 135 -6.47 -11.79 4.40
C LYS A 135 -5.80 -10.51 4.88
N ALA A 136 -4.51 -10.38 4.66
CA ALA A 136 -3.80 -9.18 5.10
C ALA A 136 -4.37 -7.93 4.43
N ARG A 137 -4.68 -8.02 3.13
CA ARG A 137 -5.21 -6.86 2.42
C ARG A 137 -6.65 -6.57 2.84
N THR A 138 -7.38 -7.61 3.26
CA THR A 138 -8.75 -7.43 3.70
C THR A 138 -8.72 -6.74 5.05
N ARG A 139 -7.70 -7.01 5.86
CA ARG A 139 -7.59 -6.32 7.14
C ARG A 139 -7.30 -4.82 6.94
N MET A 140 -6.55 -4.48 5.91
CA MET A 140 -6.26 -3.10 5.63
C MET A 140 -7.58 -2.41 5.23
N ILE A 141 -8.40 -3.09 4.43
CA ILE A 141 -9.69 -2.53 3.99
C ILE A 141 -10.57 -2.27 5.19
N ALA A 142 -10.64 -3.24 6.10
CA ALA A 142 -11.45 -3.11 7.32
C ALA A 142 -10.99 -1.91 8.16
N GLN A 143 -9.69 -1.69 8.29
CA GLN A 143 -9.19 -0.58 9.08
C GLN A 143 -9.45 0.76 8.41
N TYR A 144 -9.28 0.82 7.10
CA TYR A 144 -9.54 2.04 6.35
C TYR A 144 -11.04 2.35 6.31
N ALA A 145 -11.88 1.33 6.35
CA ALA A 145 -13.31 1.53 6.34
C ALA A 145 -13.69 2.19 7.64
N ILE A 146 -13.15 1.67 8.74
CA ILE A 146 -13.41 2.24 10.07
C ILE A 146 -12.83 3.65 10.14
N GLY A 147 -11.59 3.82 9.65
CA GLY A 147 -10.98 5.13 9.67
C GLY A 147 -11.77 6.13 8.84
N GLY A 148 -12.25 5.70 7.67
CA GLY A 148 -13.03 6.58 6.80
C GLY A 148 -14.39 6.91 7.37
N GLN A 149 -14.99 5.95 8.07
CA GLN A 149 -16.29 6.18 8.67
C GLN A 149 -16.23 7.13 9.86
N GLU A 150 -15.15 7.01 10.63
CA GLU A 150 -14.99 7.78 11.85
C GLU A 150 -14.03 8.94 11.83
N GLY A 151 -13.35 9.15 10.72
CA GLY A 151 -12.39 10.24 10.63
C GLY A 151 -11.08 10.00 11.36
N LEU A 152 -10.58 8.78 11.30
CA LEU A 152 -9.35 8.41 12.00
C LEU A 152 -8.25 7.98 11.03
N LEU A 153 -7.00 8.07 11.50
CA LEU A 153 -5.85 7.66 10.69
C LEU A 153 -5.52 6.22 11.04
N VAL A 154 -5.03 5.46 10.06
CA VAL A 154 -4.65 4.08 10.26
C VAL A 154 -3.18 3.97 10.61
N LEU A 155 -2.89 3.38 11.77
CA LEU A 155 -1.52 3.17 12.22
C LEU A 155 -1.02 1.87 11.63
N GLY A 156 0.28 1.85 11.32
CA GLY A 156 0.92 0.67 10.79
C GLY A 156 1.89 0.20 11.86
N THR A 157 2.22 -1.09 11.90
CA THR A 157 3.12 -1.60 12.92
C THR A 157 4.55 -1.89 12.41
N ASP A 158 4.81 -1.54 11.16
CA ASP A 158 6.13 -1.78 10.57
C ASP A 158 7.26 -1.16 11.39
N HIS A 159 8.33 -1.93 11.53
CA HIS A 159 9.50 -1.50 12.26
C HIS A 159 10.69 -2.04 11.44
N ALA A 160 11.90 -1.66 11.85
CA ALA A 160 13.11 -2.04 11.11
C ALA A 160 13.38 -3.53 10.93
N ALA A 161 13.12 -4.33 11.96
CA ALA A 161 13.33 -5.77 11.88
C ALA A 161 12.45 -6.50 10.83
N GLU A 162 11.35 -5.87 10.42
CA GLU A 162 10.50 -6.48 9.40
C GLU A 162 10.64 -5.71 8.09
N ALA A 163 11.07 -4.46 8.17
CA ALA A 163 11.28 -3.65 6.97
C ALA A 163 12.50 -4.20 6.26
N VAL A 164 13.50 -4.63 7.02
CA VAL A 164 14.74 -5.16 6.44
C VAL A 164 14.53 -6.41 5.60
N THR A 165 13.53 -7.20 5.95
CA THR A 165 13.21 -8.43 5.21
C THR A 165 12.00 -8.28 4.28
N GLY A 166 11.39 -7.10 4.26
CA GLY A 166 10.20 -6.89 3.45
C GLY A 166 9.16 -7.88 3.91
N PHE A 167 9.21 -8.22 5.19
CA PHE A 167 8.29 -9.20 5.76
C PHE A 167 6.90 -8.67 6.13
N PHE A 168 6.18 -8.21 5.12
CA PHE A 168 4.84 -7.71 5.31
C PHE A 168 4.23 -7.75 3.94
N THR A 169 2.90 -7.73 3.88
CA THR A 169 2.18 -7.76 2.61
C THR A 169 2.02 -6.34 2.04
N LYS A 170 2.48 -6.19 0.80
CA LYS A 170 2.38 -4.94 0.08
C LYS A 170 0.89 -4.54 0.01
N TYR A 171 0.56 -3.39 0.59
CA TYR A 171 -0.81 -2.86 0.64
C TYR A 171 -1.75 -3.68 1.52
N GLY A 172 -1.16 -4.52 2.36
CA GLY A 172 -1.92 -5.33 3.29
C GLY A 172 -1.54 -4.66 4.59
N ASP A 173 -0.77 -5.33 5.44
CA ASP A 173 -0.34 -4.72 6.70
C ASP A 173 0.64 -3.59 6.44
N GLY A 174 1.19 -3.56 5.23
CA GLY A 174 2.10 -2.51 4.85
C GLY A 174 1.35 -1.23 4.52
N GLY A 175 0.03 -1.34 4.36
CA GLY A 175 -0.76 -0.15 4.03
C GLY A 175 -1.22 0.54 5.31
N ALA A 176 -0.66 1.70 5.59
CA ALA A 176 -1.02 2.46 6.78
C ALA A 176 -0.80 3.94 6.50
N ASP A 177 -1.25 4.80 7.41
CA ASP A 177 -1.09 6.25 7.26
C ASP A 177 0.19 6.73 7.96
N LEU A 178 0.47 6.16 9.12
CA LEU A 178 1.67 6.54 9.85
C LEU A 178 2.23 5.36 10.61
N LEU A 179 3.53 5.39 10.81
CA LEU A 179 4.27 4.32 11.44
C LEU A 179 5.01 4.81 12.66
N PRO A 180 4.46 4.59 13.86
CA PRO A 180 5.09 5.01 15.11
C PRO A 180 6.30 4.18 15.49
N LEU A 181 6.41 2.94 14.99
CA LEU A 181 7.52 2.06 15.32
C LEU A 181 8.73 2.05 14.41
N THR A 182 8.76 2.95 13.42
CA THR A 182 9.86 3.02 12.46
C THR A 182 11.23 3.10 13.10
N GLY A 183 12.14 2.27 12.60
CA GLY A 183 13.51 2.26 13.10
C GLY A 183 13.80 1.39 14.29
N LEU A 184 12.76 0.87 14.95
CA LEU A 184 12.97 0.00 16.11
C LEU A 184 13.26 -1.41 15.69
N THR A 185 14.26 -2.01 16.32
CA THR A 185 14.53 -3.41 16.04
C THR A 185 13.53 -4.17 16.93
N LYS A 186 13.47 -5.48 16.80
CA LYS A 186 12.55 -6.32 17.57
C LYS A 186 12.87 -6.31 19.08
N ARG A 187 14.15 -6.42 19.44
CA ARG A 187 14.50 -6.40 20.86
C ARG A 187 14.32 -4.99 21.44
N GLN A 188 14.50 -3.95 20.63
CA GLN A 188 14.28 -2.59 21.13
C GLN A 188 12.78 -2.39 21.40
N GLY A 189 11.93 -2.99 20.54
CA GLY A 189 10.49 -2.90 20.72
C GLY A 189 10.07 -3.56 22.03
N ARG A 190 10.67 -4.73 22.28
CA ARG A 190 10.45 -5.49 23.51
C ARG A 190 10.89 -4.63 24.70
N THR A 191 12.03 -3.93 24.57
CA THR A 191 12.51 -3.06 25.65
C THR A 191 11.49 -1.96 25.95
N LEU A 192 10.85 -1.43 24.90
CA LEU A 192 9.83 -0.39 25.09
C LEU A 192 8.62 -0.96 25.84
N LEU A 193 8.19 -2.16 25.45
CA LEU A 193 7.04 -2.82 26.12
C LEU A 193 7.34 -3.10 27.59
N LYS A 194 8.59 -3.47 27.90
CA LYS A 194 8.98 -3.71 29.28
C LYS A 194 8.89 -2.38 30.03
N GLU A 195 9.36 -1.31 29.41
CA GLU A 195 9.29 0.01 30.03
C GLU A 195 7.84 0.37 30.30
N LEU A 196 6.94 0.01 29.38
CA LEU A 196 5.53 0.33 29.50
C LEU A 196 4.79 -0.55 30.50
N GLY A 197 5.45 -1.61 30.98
CA GLY A 197 4.87 -2.53 31.94
C GLY A 197 3.97 -3.59 31.34
N ALA A 198 4.23 -3.98 30.10
CA ALA A 198 3.42 -4.99 29.42
C ALA A 198 3.61 -6.39 29.97
N PRO A 199 2.54 -7.22 29.96
CA PRO A 199 2.61 -8.60 30.44
C PRO A 199 3.63 -9.32 29.55
N GLU A 200 4.53 -10.07 30.18
CA GLU A 200 5.58 -10.77 29.46
C GLU A 200 5.14 -11.70 28.35
N ARG A 201 3.96 -12.28 28.52
CA ARG A 201 3.41 -13.20 27.52
C ARG A 201 3.37 -12.56 26.12
N LEU A 202 3.02 -11.28 26.09
CA LEU A 202 2.89 -10.52 24.85
C LEU A 202 4.23 -10.31 24.12
N TYR A 203 5.34 -10.28 24.84
CA TYR A 203 6.59 -10.11 24.14
C TYR A 203 7.44 -11.37 24.14
N LEU A 204 7.01 -12.39 24.89
CA LEU A 204 7.77 -13.63 24.93
C LEU A 204 7.35 -14.62 23.83
N LYS A 205 6.12 -14.49 23.37
CA LYS A 205 5.58 -15.36 22.32
C LYS A 205 6.34 -15.25 20.99
N GLU A 206 6.23 -16.27 20.15
CA GLU A 206 6.90 -16.25 18.86
C GLU A 206 6.18 -15.35 17.87
N PRO A 207 6.91 -14.43 17.22
CA PRO A 207 6.26 -13.55 16.24
C PRO A 207 5.68 -14.42 15.11
N THR A 208 4.44 -14.11 14.73
CA THR A 208 3.77 -14.84 13.66
C THR A 208 2.85 -13.92 12.86
N ALA A 209 2.71 -14.25 11.57
CA ALA A 209 1.85 -13.55 10.61
C ALA A 209 0.45 -14.18 10.74
N ASP A 210 0.43 -15.50 10.94
CA ASP A 210 -0.80 -16.30 11.11
C ASP A 210 -1.78 -16.13 9.96
N LEU A 211 -1.28 -16.23 8.73
CA LEU A 211 -2.10 -16.02 7.54
C LEU A 211 -2.49 -17.26 6.78
N LEU A 212 -1.90 -18.40 7.15
CA LEU A 212 -2.18 -19.63 6.42
C LEU A 212 -3.20 -20.54 7.08
N ASP A 213 -4.07 -21.12 6.27
CA ASP A 213 -5.07 -22.05 6.78
C ASP A 213 -4.37 -23.38 7.04
N GLU A 214 -3.42 -23.74 6.19
CA GLU A 214 -2.70 -25.01 6.36
C GLU A 214 -1.76 -24.99 7.52
N LYS A 215 -1.07 -23.87 7.73
CA LYS A 215 -0.14 -23.77 8.84
C LYS A 215 -0.37 -22.52 9.67
N PRO A 216 -1.47 -22.51 10.45
CA PRO A 216 -1.79 -21.35 11.29
C PRO A 216 -0.72 -21.17 12.36
N GLN A 217 -0.48 -19.91 12.74
CA GLN A 217 0.50 -19.57 13.77
C GLN A 217 1.94 -19.92 13.38
N GLN A 218 2.23 -20.04 12.09
CA GLN A 218 3.58 -20.35 11.64
C GLN A 218 4.52 -19.20 12.05
N SER A 219 5.60 -19.53 12.73
CA SER A 219 6.53 -18.51 13.20
C SER A 219 7.27 -17.83 12.07
N ASP A 220 7.56 -16.54 12.26
CA ASP A 220 8.29 -15.75 11.29
C ASP A 220 9.62 -16.41 10.98
N GLU A 221 10.35 -16.79 12.03
CA GLU A 221 11.67 -17.42 11.87
C GLU A 221 11.60 -18.64 10.97
N THR A 222 10.48 -19.35 11.04
CA THR A 222 10.24 -20.53 10.21
C THR A 222 10.26 -20.13 8.72
N GLU A 223 9.50 -19.11 8.36
CA GLU A 223 9.47 -18.65 6.98
C GLU A 223 10.76 -17.96 6.54
N LEU A 224 11.35 -17.16 7.44
CA LEU A 224 12.56 -16.38 7.16
C LEU A 224 13.90 -17.11 7.12
N GLY A 225 14.12 -18.04 8.04
CA GLY A 225 15.38 -18.75 8.06
C GLY A 225 16.49 -18.01 8.79
N ILE A 226 16.15 -16.92 9.47
CA ILE A 226 17.11 -16.15 10.26
C ILE A 226 16.33 -15.83 11.52
N SER A 227 17.00 -15.72 12.65
CA SER A 227 16.30 -15.40 13.87
C SER A 227 16.23 -13.88 14.03
N TYR A 228 15.28 -13.42 14.84
CA TYR A 228 15.16 -12.00 15.10
C TYR A 228 16.38 -11.47 15.81
N ASP A 229 17.07 -12.32 16.55
CA ASP A 229 18.26 -11.89 17.24
C ASP A 229 19.40 -11.59 16.29
N GLU A 230 19.51 -12.38 15.23
CA GLU A 230 20.57 -12.16 14.25
C GLU A 230 20.22 -10.91 13.44
N ILE A 231 18.94 -10.75 13.14
CA ILE A 231 18.45 -9.58 12.40
C ILE A 231 18.72 -8.32 13.20
N ASP A 232 18.42 -8.34 14.49
CA ASP A 232 18.65 -7.18 15.35
C ASP A 232 20.12 -6.85 15.51
N ASP A 233 20.98 -7.86 15.67
CA ASP A 233 22.43 -7.60 15.82
C ASP A 233 22.89 -6.85 14.59
N TYR A 234 22.44 -7.32 13.43
CA TYR A 234 22.82 -6.68 12.17
C TYR A 234 22.35 -5.22 12.15
N LEU A 235 21.06 -5.01 12.42
CA LEU A 235 20.50 -3.67 12.41
C LEU A 235 21.14 -2.77 13.44
N GLU A 236 21.51 -3.33 14.58
CA GLU A 236 22.12 -2.51 15.60
C GLU A 236 23.61 -2.24 15.36
N GLY A 237 24.13 -2.73 14.24
CA GLY A 237 25.51 -2.47 13.90
C GLY A 237 26.52 -3.39 14.57
N LYS A 238 26.08 -4.51 15.12
CA LYS A 238 27.01 -5.45 15.75
C LYS A 238 27.66 -6.26 14.65
N GLU A 239 28.93 -6.64 14.81
CA GLU A 239 29.58 -7.44 13.79
C GLU A 239 28.92 -8.82 13.84
N VAL A 240 28.35 -9.25 12.73
CA VAL A 240 27.66 -10.53 12.66
C VAL A 240 28.43 -11.44 11.71
N SER A 241 28.04 -12.71 11.69
CA SER A 241 28.66 -13.68 10.81
C SER A 241 28.31 -13.32 9.37
N ALA A 242 29.22 -13.63 8.47
CA ALA A 242 29.04 -13.37 7.05
C ALA A 242 27.77 -14.06 6.51
N LYS A 243 27.36 -15.17 7.13
CA LYS A 243 26.15 -15.87 6.70
C LYS A 243 24.88 -15.03 6.97
N VAL A 244 24.92 -14.18 8.00
CA VAL A 244 23.78 -13.33 8.33
C VAL A 244 23.76 -12.15 7.36
N SER A 245 24.89 -11.48 7.24
CA SER A 245 25.00 -10.35 6.33
C SER A 245 24.57 -10.73 4.93
N GLU A 246 25.13 -11.82 4.42
CA GLU A 246 24.80 -12.26 3.08
C GLU A 246 23.30 -12.48 2.90
N ALA A 247 22.68 -13.21 3.82
CA ALA A 247 21.26 -13.48 3.70
C ALA A 247 20.42 -12.22 3.76
N LEU A 248 20.67 -11.39 4.77
CA LEU A 248 19.89 -10.15 4.94
C LEU A 248 20.07 -9.10 3.84
N GLU A 249 21.29 -8.93 3.35
CA GLU A 249 21.52 -7.94 2.32
C GLU A 249 20.87 -8.36 1.02
N LYS A 250 20.81 -9.66 0.78
CA LYS A 250 20.16 -10.20 -0.42
C LYS A 250 18.65 -9.97 -0.34
N ARG A 251 18.08 -10.30 0.82
CA ARG A 251 16.65 -10.12 1.06
C ARG A 251 16.25 -8.64 0.97
N TYR A 252 17.08 -7.76 1.52
CA TYR A 252 16.83 -6.33 1.51
C TYR A 252 16.74 -5.78 0.07
N SER A 253 17.68 -6.18 -0.78
CA SER A 253 17.68 -5.72 -2.17
C SER A 253 16.48 -6.20 -2.93
N MET A 254 16.03 -7.42 -2.67
CA MET A 254 14.90 -7.94 -3.40
C MET A 254 13.53 -7.38 -3.00
N THR A 255 13.47 -6.80 -1.81
CA THR A 255 12.22 -6.25 -1.30
C THR A 255 12.21 -4.71 -1.28
N GLU A 256 13.14 -4.09 -1.98
CA GLU A 256 13.19 -2.63 -2.04
C GLU A 256 11.86 -2.07 -2.56
N HIS A 257 11.21 -2.80 -3.47
CA HIS A 257 9.94 -2.35 -4.05
C HIS A 257 8.87 -2.15 -2.99
N LYS A 258 8.99 -2.84 -1.86
CA LYS A 258 8.01 -2.72 -0.78
C LYS A 258 8.23 -1.50 0.08
N ARG A 259 9.42 -0.90 -0.03
CA ARG A 259 9.76 0.26 0.76
C ARG A 259 9.78 1.56 -0.03
N GLN A 260 9.31 1.50 -1.27
CA GLN A 260 9.27 2.67 -2.15
C GLN A 260 7.85 2.80 -2.70
N VAL A 261 7.53 3.98 -3.18
CA VAL A 261 6.24 4.28 -3.80
C VAL A 261 6.31 3.51 -5.16
N PRO A 262 5.16 3.27 -5.83
CA PRO A 262 5.28 2.52 -7.10
C PRO A 262 6.36 3.06 -8.04
N ALA A 263 7.05 2.15 -8.70
CA ALA A 263 8.15 2.52 -9.59
C ALA A 263 7.72 3.20 -10.88
N SER A 264 8.51 4.17 -11.30
CA SER A 264 8.28 4.88 -12.53
C SER A 264 9.62 4.88 -13.28
N MET A 265 9.61 5.26 -14.54
CA MET A 265 10.83 5.26 -15.30
C MET A 265 11.78 6.35 -14.84
N PHE A 266 11.32 7.27 -14.00
CA PHE A 266 12.17 8.34 -13.50
C PHE A 266 12.82 7.95 -12.17
N ASP A 267 12.61 6.71 -11.74
CA ASP A 267 13.17 6.24 -10.50
C ASP A 267 14.40 5.43 -10.80
N ASP A 268 15.44 5.63 -10.01
CA ASP A 268 16.70 4.93 -10.20
C ASP A 268 16.93 3.76 -9.26
N TRP A 269 16.32 3.77 -8.07
CA TRP A 269 16.54 2.68 -7.10
C TRP A 269 16.35 1.27 -7.64
N TRP A 270 15.58 1.11 -8.72
CA TRP A 270 15.32 -0.22 -9.26
C TRP A 270 16.26 -0.70 -10.36
N LYS A 271 17.03 0.23 -10.93
CA LYS A 271 17.94 -0.10 -12.03
C LYS A 271 19.18 -0.91 -11.63
N SER B 1 9.37 28.61 -7.24
CA SER B 1 7.97 28.70 -7.77
C SER B 1 7.28 27.37 -7.52
N MET B 2 6.10 27.42 -6.89
CA MET B 2 5.33 26.22 -6.59
C MET B 2 4.99 25.42 -7.84
N GLN B 3 4.54 26.09 -8.88
CA GLN B 3 4.18 25.45 -10.14
C GLN B 3 5.38 24.73 -10.72
N GLU B 4 6.53 25.38 -10.65
CA GLU B 4 7.76 24.79 -11.14
C GLU B 4 8.21 23.60 -10.25
N LYS B 5 8.05 23.74 -8.94
CA LYS B 5 8.43 22.65 -8.04
C LYS B 5 7.56 21.44 -8.29
N ILE B 6 6.25 21.65 -8.37
CA ILE B 6 5.32 20.57 -8.62
C ILE B 6 5.61 19.89 -9.95
N MET B 7 5.78 20.70 -10.99
CA MET B 7 6.07 20.21 -12.34
C MET B 7 7.33 19.33 -12.35
N ARG B 8 8.34 19.74 -11.59
CA ARG B 8 9.59 19.00 -11.48
C ARG B 8 9.36 17.67 -10.73
N GLU B 9 8.67 17.74 -9.60
CA GLU B 9 8.40 16.54 -8.79
C GLU B 9 7.52 15.51 -9.48
N LEU B 10 6.60 15.95 -10.31
CA LEU B 10 5.71 15.03 -11.00
C LEU B 10 6.25 14.61 -12.36
N HIS B 11 7.43 15.12 -12.70
CA HIS B 11 8.14 14.79 -13.93
C HIS B 11 7.36 15.15 -15.19
N VAL B 12 6.68 16.27 -15.18
CA VAL B 12 5.91 16.67 -16.35
C VAL B 12 6.79 17.44 -17.30
N LYS B 13 6.62 17.18 -18.59
CA LYS B 13 7.38 17.90 -19.62
C LYS B 13 6.39 18.85 -20.29
N PRO B 14 6.82 20.08 -20.56
CA PRO B 14 5.98 21.10 -21.21
C PRO B 14 5.46 20.62 -22.58
N SER B 15 6.26 19.88 -23.30
CA SER B 15 5.82 19.35 -24.57
C SER B 15 6.41 17.96 -24.72
N ILE B 16 5.77 17.11 -25.50
CA ILE B 16 6.26 15.78 -25.68
C ILE B 16 6.29 15.36 -27.15
N ASP B 17 7.05 14.32 -27.43
CA ASP B 17 7.13 13.73 -28.75
C ASP B 17 6.33 12.45 -28.47
N PRO B 18 5.06 12.36 -28.93
CA PRO B 18 4.27 11.16 -28.67
C PRO B 18 4.86 9.82 -29.07
N LYS B 19 5.49 9.78 -30.25
CA LYS B 19 6.10 8.55 -30.73
C LYS B 19 7.23 8.12 -29.79
N GLN B 20 8.06 9.07 -29.40
CA GLN B 20 9.19 8.75 -28.51
C GLN B 20 8.70 8.38 -27.09
N GLU B 21 7.65 9.03 -26.61
CA GLU B 21 7.08 8.76 -25.30
C GLU B 21 6.61 7.31 -25.22
N ILE B 22 5.93 6.87 -26.26
CA ILE B 22 5.44 5.52 -26.33
C ILE B 22 6.62 4.55 -26.25
N GLU B 23 7.66 4.82 -27.04
CA GLU B 23 8.86 3.98 -27.08
C GLU B 23 9.56 3.91 -25.72
N ASP B 24 9.79 5.06 -25.11
CA ASP B 24 10.42 5.13 -23.79
C ASP B 24 9.61 4.36 -22.73
N ARG B 25 8.29 4.56 -22.73
CA ARG B 25 7.43 3.91 -21.74
C ARG B 25 7.32 2.41 -21.97
N VAL B 26 7.29 1.99 -23.22
CA VAL B 26 7.26 0.56 -23.52
C VAL B 26 8.60 -0.05 -23.07
N ASN B 27 9.67 0.70 -23.30
CA ASN B 27 10.99 0.25 -22.90
C ASN B 27 11.11 0.15 -21.40
N PHE B 28 10.46 1.06 -20.69
CA PHE B 28 10.49 1.03 -19.23
C PHE B 28 9.83 -0.25 -18.75
N LEU B 29 8.67 -0.56 -19.32
CA LEU B 29 7.97 -1.77 -18.90
C LEU B 29 8.81 -3.03 -19.17
N LYS B 30 9.40 -3.10 -20.37
CA LYS B 30 10.23 -4.24 -20.74
C LYS B 30 11.43 -4.35 -19.81
N GLN B 31 12.06 -3.21 -19.54
CA GLN B 31 13.24 -3.18 -18.70
C GLN B 31 12.94 -3.62 -17.27
N TYR B 32 11.85 -3.14 -16.72
CA TYR B 32 11.47 -3.47 -15.35
C TYR B 32 11.16 -4.96 -15.22
N VAL B 33 10.36 -5.47 -16.15
CA VAL B 33 10.01 -6.88 -16.12
C VAL B 33 11.27 -7.76 -16.23
N LYS B 34 12.20 -7.36 -17.09
CA LYS B 34 13.44 -8.11 -17.25
C LYS B 34 14.30 -8.06 -15.99
N LYS B 35 14.39 -6.90 -15.36
CA LYS B 35 15.19 -6.76 -14.13
C LYS B 35 14.66 -7.68 -13.05
N THR B 36 13.34 -7.71 -12.92
CA THR B 36 12.68 -8.50 -11.89
C THR B 36 12.44 -9.99 -12.15
N GLY B 37 12.41 -10.42 -13.40
CA GLY B 37 12.14 -11.82 -13.66
C GLY B 37 10.65 -12.16 -13.56
N ALA B 38 9.79 -11.13 -13.51
CA ALA B 38 8.35 -11.37 -13.45
C ALA B 38 7.92 -11.94 -14.80
N LYS B 39 6.74 -12.55 -14.82
CA LYS B 39 6.19 -13.20 -16.00
C LYS B 39 5.31 -12.33 -16.88
N GLY B 40 5.08 -11.09 -16.47
CA GLY B 40 4.25 -10.20 -17.27
C GLY B 40 3.52 -9.18 -16.43
N PHE B 41 2.37 -8.72 -16.91
CA PHE B 41 1.60 -7.70 -16.20
C PHE B 41 0.13 -8.02 -16.14
N VAL B 42 -0.54 -7.43 -15.15
CA VAL B 42 -1.98 -7.55 -15.00
C VAL B 42 -2.51 -6.12 -14.81
N LEU B 43 -3.61 -5.80 -15.46
CA LEU B 43 -4.19 -4.47 -15.36
C LEU B 43 -5.70 -4.52 -15.47
N GLY B 44 -6.37 -3.83 -14.55
CA GLY B 44 -7.81 -3.76 -14.58
C GLY B 44 -8.17 -2.79 -15.70
N ILE B 45 -9.03 -3.22 -16.61
CA ILE B 45 -9.46 -2.43 -17.75
C ILE B 45 -10.88 -1.93 -17.51
N SER B 46 -11.04 -0.62 -17.42
CA SER B 46 -12.34 0.01 -17.15
C SER B 46 -13.06 0.65 -18.34
N GLY B 47 -12.38 0.79 -19.47
CA GLY B 47 -13.01 1.45 -20.60
C GLY B 47 -12.57 2.91 -20.62
N GLY B 48 -11.93 3.35 -19.55
CA GLY B 48 -11.46 4.72 -19.48
C GLY B 48 -10.13 4.95 -20.21
N GLN B 49 -9.85 6.22 -20.47
CA GLN B 49 -8.65 6.65 -21.18
C GLN B 49 -7.34 6.09 -20.63
N ASP B 50 -7.12 6.26 -19.33
CA ASP B 50 -5.89 5.86 -18.67
C ASP B 50 -5.56 4.38 -18.76
N SER B 51 -6.54 3.52 -18.43
CA SER B 51 -6.29 2.09 -18.47
C SER B 51 -6.17 1.58 -19.89
N THR B 52 -6.84 2.26 -20.83
CA THR B 52 -6.75 1.84 -22.24
C THR B 52 -5.33 2.12 -22.71
N LEU B 53 -4.78 3.27 -22.32
CA LEU B 53 -3.42 3.65 -22.71
C LEU B 53 -2.41 2.72 -22.04
N ALA B 54 -2.52 2.57 -20.72
CA ALA B 54 -1.60 1.70 -20.00
C ALA B 54 -1.67 0.27 -20.55
N GLY B 55 -2.87 -0.18 -20.87
CA GLY B 55 -3.07 -1.51 -21.39
C GLY B 55 -2.39 -1.74 -22.72
N ARG B 56 -2.54 -0.80 -23.64
CA ARG B 56 -1.91 -0.95 -24.92
C ARG B 56 -0.39 -0.93 -24.76
N LEU B 57 0.14 -0.06 -23.91
CA LEU B 57 1.60 -0.06 -23.71
C LEU B 57 2.10 -1.39 -23.13
N ALA B 58 1.33 -1.97 -22.23
CA ALA B 58 1.68 -3.25 -21.64
C ALA B 58 1.69 -4.36 -22.68
N GLN B 59 0.67 -4.36 -23.54
CA GLN B 59 0.57 -5.39 -24.59
C GLN B 59 1.74 -5.27 -25.57
N LEU B 60 2.10 -4.04 -25.92
CA LEU B 60 3.22 -3.80 -26.82
C LEU B 60 4.54 -4.26 -26.16
N ALA B 61 4.67 -4.00 -24.86
CA ALA B 61 5.88 -4.37 -24.13
C ALA B 61 6.08 -5.88 -24.08
N VAL B 62 5.00 -6.58 -23.84
CA VAL B 62 4.98 -8.04 -23.75
C VAL B 62 5.29 -8.68 -25.11
N GLU B 63 4.76 -8.08 -26.17
CA GLU B 63 5.01 -8.56 -27.52
C GLU B 63 6.46 -8.28 -27.91
N SER B 64 7.00 -7.20 -27.39
CA SER B 64 8.37 -6.84 -27.68
C SER B 64 9.32 -7.87 -27.03
N ILE B 65 9.03 -8.22 -25.77
CA ILE B 65 9.85 -9.19 -25.04
C ILE B 65 9.83 -10.56 -25.70
N ARG B 66 8.65 -11.01 -26.16
CA ARG B 66 8.57 -12.30 -26.82
C ARG B 66 9.33 -12.27 -28.13
N GLU B 67 9.36 -11.09 -28.76
CA GLU B 67 10.06 -10.92 -30.02
C GLU B 67 11.53 -11.15 -29.79
N GLU B 68 12.03 -10.72 -28.64
CA GLU B 68 13.43 -10.90 -28.31
C GLU B 68 13.68 -12.30 -27.77
N GLY B 69 12.68 -13.18 -27.86
CA GLY B 69 12.86 -14.54 -27.40
C GLY B 69 12.56 -14.75 -25.94
N GLY B 70 11.97 -13.77 -25.28
CA GLY B 70 11.65 -13.94 -23.87
C GLY B 70 10.25 -14.49 -23.69
N ASP B 71 9.83 -14.57 -22.44
CA ASP B 71 8.50 -15.07 -22.12
C ASP B 71 7.78 -14.01 -21.27
N ALA B 72 6.69 -13.47 -21.80
CA ALA B 72 5.91 -12.44 -21.09
C ALA B 72 4.48 -12.51 -21.56
N GLN B 73 3.56 -12.19 -20.66
CA GLN B 73 2.15 -12.20 -21.00
C GLN B 73 1.46 -11.03 -20.29
N PHE B 74 0.35 -10.60 -20.88
CA PHE B 74 -0.41 -9.51 -20.30
C PHE B 74 -1.83 -9.99 -20.09
N ILE B 75 -2.30 -9.84 -18.86
CA ILE B 75 -3.67 -10.21 -18.54
C ILE B 75 -4.45 -8.93 -18.21
N ALA B 76 -5.42 -8.63 -19.07
CA ALA B 76 -6.29 -7.46 -18.89
C ALA B 76 -7.47 -8.06 -18.15
N VAL B 77 -7.91 -7.41 -17.10
CA VAL B 77 -9.01 -7.92 -16.31
C VAL B 77 -10.11 -6.89 -16.15
N ARG B 78 -11.34 -7.28 -16.44
CA ARG B 78 -12.47 -6.37 -16.23
C ARG B 78 -12.88 -6.60 -14.77
N LEU B 79 -13.17 -5.52 -14.05
CA LEU B 79 -13.51 -5.62 -12.64
C LEU B 79 -14.85 -4.95 -12.32
N PRO B 80 -15.93 -5.48 -12.89
CA PRO B 80 -17.23 -4.87 -12.63
C PRO B 80 -17.75 -5.16 -11.25
N HIS B 81 -18.60 -4.26 -10.76
CA HIS B 81 -19.25 -4.47 -9.48
C HIS B 81 -20.64 -4.90 -9.93
N GLY B 82 -20.80 -6.19 -10.20
CA GLY B 82 -22.07 -6.71 -10.66
C GLY B 82 -22.28 -6.49 -12.15
N GLU B 87 -20.22 -1.48 -19.81
CA GLU B 87 -19.24 -2.50 -20.28
C GLU B 87 -18.89 -2.27 -21.75
N ASP B 88 -19.75 -1.53 -22.47
CA ASP B 88 -19.53 -1.23 -23.88
C ASP B 88 -18.15 -0.67 -24.17
N ASP B 89 -17.75 0.32 -23.37
CA ASP B 89 -16.45 0.94 -23.55
C ASP B 89 -15.31 0.02 -23.19
N ALA B 90 -15.49 -0.80 -22.15
CA ALA B 90 -14.45 -1.75 -21.73
C ALA B 90 -14.24 -2.75 -22.87
N GLN B 91 -15.31 -3.13 -23.53
CA GLN B 91 -15.24 -4.04 -24.65
C GLN B 91 -14.53 -3.39 -25.83
N LEU B 92 -14.73 -2.09 -26.02
CA LEU B 92 -14.08 -1.37 -27.11
C LEU B 92 -12.59 -1.35 -26.79
N ALA B 93 -12.26 -1.03 -25.54
CA ALA B 93 -10.88 -0.98 -25.08
C ALA B 93 -10.18 -2.30 -25.35
N LEU B 94 -10.81 -3.40 -24.96
CA LEU B 94 -10.25 -4.73 -25.18
C LEU B 94 -10.00 -5.00 -26.65
N LYS B 95 -10.93 -4.59 -27.52
CA LYS B 95 -10.75 -4.80 -28.95
C LYS B 95 -9.53 -4.03 -29.47
N PHE B 96 -9.27 -2.87 -28.88
CA PHE B 96 -8.11 -2.05 -29.26
C PHE B 96 -6.78 -2.57 -28.66
N ILE B 97 -6.82 -2.92 -27.39
CA ILE B 97 -5.64 -3.41 -26.67
C ILE B 97 -5.18 -4.77 -27.17
N LYS B 98 -6.14 -5.66 -27.41
CA LYS B 98 -5.88 -7.01 -27.86
C LYS B 98 -4.94 -7.71 -26.88
N PRO B 99 -5.34 -7.80 -25.60
CA PRO B 99 -4.45 -8.46 -24.64
C PRO B 99 -4.28 -9.95 -24.89
N ASP B 100 -3.16 -10.51 -24.44
CA ASP B 100 -2.94 -11.94 -24.58
C ASP B 100 -4.11 -12.68 -23.93
N LYS B 101 -4.51 -12.22 -22.75
CA LYS B 101 -5.58 -12.82 -22.00
C LYS B 101 -6.51 -11.73 -21.47
N SER B 102 -7.79 -12.07 -21.45
CA SER B 102 -8.82 -11.16 -21.04
C SER B 102 -9.65 -11.87 -19.98
N TRP B 103 -9.45 -11.47 -18.73
CA TRP B 103 -10.17 -12.06 -17.62
C TRP B 103 -11.22 -11.13 -17.06
N LYS B 104 -11.96 -11.64 -16.09
CA LYS B 104 -12.98 -10.86 -15.42
C LYS B 104 -13.09 -11.33 -13.99
N PHE B 105 -13.28 -10.38 -13.08
CA PHE B 105 -13.48 -10.65 -11.68
C PHE B 105 -14.53 -9.67 -11.18
N ASP B 106 -15.74 -10.17 -10.95
CA ASP B 106 -16.84 -9.36 -10.46
C ASP B 106 -16.60 -9.22 -8.95
N ILE B 107 -16.44 -7.98 -8.49
CA ILE B 107 -16.18 -7.70 -7.07
C ILE B 107 -17.43 -7.53 -6.18
N LYS B 108 -18.62 -7.61 -6.77
CA LYS B 108 -19.84 -7.43 -6.01
C LYS B 108 -20.01 -8.33 -4.76
N SER B 109 -19.84 -9.64 -4.91
CA SER B 109 -20.01 -10.52 -3.77
C SER B 109 -19.02 -10.25 -2.65
N THR B 110 -17.81 -9.83 -3.00
CA THR B 110 -16.82 -9.53 -1.98
C THR B 110 -17.22 -8.24 -1.27
N VAL B 111 -17.55 -7.21 -2.03
CA VAL B 111 -17.96 -5.96 -1.43
C VAL B 111 -19.24 -6.10 -0.57
N SER B 112 -20.19 -6.91 -1.03
CA SER B 112 -21.45 -7.10 -0.30
C SER B 112 -21.20 -7.79 1.02
N ALA B 113 -20.36 -8.82 0.99
CA ALA B 113 -20.04 -9.55 2.20
C ALA B 113 -19.38 -8.63 3.20
N PHE B 114 -18.44 -7.80 2.73
CA PHE B 114 -17.73 -6.87 3.59
C PHE B 114 -18.72 -5.88 4.20
N SER B 115 -19.58 -5.36 3.33
CA SER B 115 -20.59 -4.38 3.67
C SER B 115 -21.56 -4.93 4.73
N ASP B 116 -22.04 -6.16 4.54
CA ASP B 116 -22.95 -6.75 5.50
C ASP B 116 -22.23 -6.95 6.82
N GLN B 117 -21.01 -7.47 6.75
CA GLN B 117 -20.21 -7.70 7.94
C GLN B 117 -19.97 -6.39 8.69
N TYR B 118 -19.72 -5.31 7.97
CA TYR B 118 -19.49 -4.04 8.64
C TYR B 118 -20.72 -3.62 9.43
N GLN B 119 -21.89 -3.73 8.80
CA GLN B 119 -23.14 -3.38 9.45
C GLN B 119 -23.37 -4.27 10.68
N GLN B 120 -23.17 -5.58 10.54
CA GLN B 120 -23.33 -6.49 11.66
C GLN B 120 -22.42 -6.18 12.85
N GLU B 121 -21.14 -5.94 12.59
CA GLU B 121 -20.17 -5.66 13.63
C GLU B 121 -20.29 -4.30 14.28
N THR B 122 -20.68 -3.29 13.51
CA THR B 122 -20.72 -1.93 14.00
C THR B 122 -22.11 -1.32 14.25
N GLY B 123 -23.10 -1.81 13.51
CA GLY B 123 -24.43 -1.26 13.65
C GLY B 123 -24.58 -0.11 12.68
N ASP B 124 -23.52 0.18 11.92
CA ASP B 124 -23.54 1.28 10.95
C ASP B 124 -23.52 0.77 9.54
N GLN B 125 -24.13 1.51 8.63
CA GLN B 125 -24.08 1.11 7.26
C GLN B 125 -22.94 1.95 6.66
N LEU B 126 -22.19 1.35 5.76
CA LEU B 126 -21.10 2.02 5.09
C LEU B 126 -21.73 3.04 4.16
N THR B 127 -21.30 4.28 4.29
CA THR B 127 -21.80 5.35 3.46
C THR B 127 -21.32 5.11 2.02
N ASP B 128 -21.97 5.76 1.06
CA ASP B 128 -21.62 5.64 -0.35
C ASP B 128 -20.13 5.88 -0.60
N PHE B 129 -19.61 6.98 -0.04
CA PHE B 129 -18.22 7.32 -0.24
C PHE B 129 -17.23 6.26 0.24
N ASN B 130 -17.45 5.80 1.47
CA ASN B 130 -16.59 4.79 2.06
C ASN B 130 -16.76 3.47 1.33
N LYS B 131 -17.96 3.22 0.84
CA LYS B 131 -18.22 2.01 0.09
C LYS B 131 -17.51 2.12 -1.26
N GLY B 132 -17.35 3.33 -1.78
CA GLY B 132 -16.67 3.51 -3.04
C GLY B 132 -15.21 3.13 -2.87
N ASN B 133 -14.61 3.54 -1.75
CA ASN B 133 -13.23 3.22 -1.46
C ASN B 133 -13.01 1.72 -1.21
N VAL B 134 -14.02 1.05 -0.67
CA VAL B 134 -13.93 -0.39 -0.45
C VAL B 134 -13.89 -1.05 -1.83
N LYS B 135 -14.68 -0.55 -2.78
CA LYS B 135 -14.68 -1.13 -4.12
C LYS B 135 -13.31 -0.96 -4.78
N ALA B 136 -12.73 0.23 -4.67
CA ALA B 136 -11.40 0.49 -5.25
C ALA B 136 -10.34 -0.44 -4.62
N ARG B 137 -10.41 -0.64 -3.31
CA ARG B 137 -9.44 -1.50 -2.63
C ARG B 137 -9.65 -2.97 -2.96
N THR B 138 -10.88 -3.38 -3.21
CA THR B 138 -11.18 -4.76 -3.58
C THR B 138 -10.64 -5.04 -4.98
N ARG B 139 -10.69 -4.02 -5.83
CA ARG B 139 -10.14 -4.17 -7.17
C ARG B 139 -8.65 -4.39 -7.06
N MET B 140 -7.99 -3.67 -6.14
CA MET B 140 -6.57 -3.84 -5.92
C MET B 140 -6.29 -5.28 -5.49
N ILE B 141 -7.06 -5.80 -4.54
CA ILE B 141 -6.87 -7.16 -4.08
C ILE B 141 -6.99 -8.20 -5.22
N ALA B 142 -7.96 -8.02 -6.09
CA ALA B 142 -8.20 -8.94 -7.22
C ALA B 142 -7.03 -8.93 -8.19
N GLN B 143 -6.49 -7.75 -8.47
CA GLN B 143 -5.36 -7.62 -9.38
C GLN B 143 -4.11 -8.28 -8.77
N TYR B 144 -3.89 -8.09 -7.47
CA TYR B 144 -2.77 -8.71 -6.79
C TYR B 144 -2.95 -10.22 -6.63
N ALA B 145 -4.18 -10.68 -6.49
CA ALA B 145 -4.47 -12.11 -6.35
C ALA B 145 -4.05 -12.77 -7.64
N ILE B 146 -4.45 -12.17 -8.76
CA ILE B 146 -4.12 -12.64 -10.11
C ILE B 146 -2.59 -12.56 -10.31
N GLY B 147 -2.01 -11.41 -9.99
CA GLY B 147 -0.58 -11.22 -10.12
C GLY B 147 0.20 -12.24 -9.32
N GLY B 148 -0.25 -12.48 -8.10
CA GLY B 148 0.41 -13.45 -7.22
C GLY B 148 0.26 -14.87 -7.70
N GLN B 149 -0.90 -15.20 -8.26
CA GLN B 149 -1.16 -16.54 -8.77
C GLN B 149 -0.38 -16.82 -10.05
N GLU B 150 -0.29 -15.80 -10.89
CA GLU B 150 0.37 -15.92 -12.20
C GLU B 150 1.77 -15.39 -12.32
N GLY B 151 2.27 -14.76 -11.27
CA GLY B 151 3.63 -14.23 -11.29
C GLY B 151 3.75 -12.98 -12.14
N LEU B 152 2.75 -12.11 -12.04
CA LEU B 152 2.72 -10.91 -12.82
C LEU B 152 2.81 -9.67 -11.96
N LEU B 153 3.24 -8.57 -12.57
CA LEU B 153 3.32 -7.28 -11.89
C LEU B 153 2.03 -6.52 -12.16
N VAL B 154 1.56 -5.79 -11.15
CA VAL B 154 0.35 -5.01 -11.28
C VAL B 154 0.64 -3.62 -11.80
N LEU B 155 0.04 -3.25 -12.92
CA LEU B 155 0.26 -1.90 -13.46
C LEU B 155 -0.71 -0.89 -12.85
N GLY B 156 -0.23 0.33 -12.65
CA GLY B 156 -1.07 1.38 -12.13
C GLY B 156 -1.28 2.36 -13.27
N THR B 157 -2.38 3.10 -13.26
CA THR B 157 -2.66 4.06 -14.34
C THR B 157 -2.48 5.51 -13.88
N ASP B 158 -1.83 5.71 -12.74
CA ASP B 158 -1.61 7.06 -12.21
C ASP B 158 -0.72 7.85 -13.13
N HIS B 159 -1.05 9.13 -13.27
CA HIS B 159 -0.28 10.04 -14.11
C HIS B 159 -0.27 11.39 -13.40
N ALA B 160 0.40 12.37 -13.97
CA ALA B 160 0.52 13.69 -13.35
C ALA B 160 -0.78 14.41 -13.01
N ALA B 161 -1.74 14.40 -13.93
CA ALA B 161 -3.03 15.08 -13.73
C ALA B 161 -3.85 14.47 -12.60
N GLU B 162 -3.63 13.20 -12.34
CA GLU B 162 -4.33 12.51 -11.26
C GLU B 162 -3.51 12.61 -9.95
N ALA B 163 -2.19 12.66 -10.10
CA ALA B 163 -1.29 12.77 -8.95
C ALA B 163 -1.37 14.14 -8.25
N VAL B 164 -1.39 15.24 -9.01
CA VAL B 164 -1.47 16.58 -8.37
C VAL B 164 -2.65 16.69 -7.42
N THR B 165 -3.79 16.19 -7.85
CA THR B 165 -5.02 16.28 -7.07
C THR B 165 -5.28 15.18 -6.04
N GLY B 166 -4.45 14.14 -6.05
CA GLY B 166 -4.63 13.04 -5.14
C GLY B 166 -5.95 12.36 -5.43
N PHE B 167 -6.43 12.45 -6.67
CA PHE B 167 -7.71 11.82 -7.01
C PHE B 167 -7.65 10.34 -7.33
N PHE B 168 -7.35 9.56 -6.30
CA PHE B 168 -7.32 8.12 -6.44
C PHE B 168 -7.42 7.62 -5.02
N THR B 169 -7.73 6.35 -4.86
CA THR B 169 -7.84 5.77 -3.53
C THR B 169 -6.50 5.20 -3.10
N LYS B 170 -6.04 5.64 -1.94
CA LYS B 170 -4.81 5.19 -1.32
C LYS B 170 -4.98 3.67 -1.11
N TYR B 171 -4.06 2.88 -1.65
CA TYR B 171 -4.11 1.41 -1.54
C TYR B 171 -5.27 0.78 -2.32
N GLY B 172 -5.89 1.58 -3.19
CA GLY B 172 -6.97 1.10 -4.03
C GLY B 172 -6.38 1.11 -5.44
N ASP B 173 -6.86 2.01 -6.30
CA ASP B 173 -6.27 2.12 -7.64
C ASP B 173 -4.85 2.69 -7.53
N GLY B 174 -4.52 3.26 -6.39
CA GLY B 174 -3.18 3.76 -6.18
C GLY B 174 -2.21 2.64 -5.82
N GLY B 175 -2.73 1.48 -5.44
CA GLY B 175 -1.87 0.38 -5.07
C GLY B 175 -1.45 -0.34 -6.34
N ALA B 176 -0.21 -0.15 -6.76
CA ALA B 176 0.27 -0.78 -7.96
C ALA B 176 1.76 -1.00 -7.83
N ASP B 177 2.34 -1.78 -8.74
CA ASP B 177 3.77 -2.04 -8.72
C ASP B 177 4.58 -1.09 -9.58
N LEU B 178 4.08 -0.76 -10.79
CA LEU B 178 4.81 0.14 -11.70
C LEU B 178 3.83 1.12 -12.29
N LEU B 179 4.32 2.28 -12.71
CA LEU B 179 3.47 3.35 -13.25
C LEU B 179 4.00 3.82 -14.60
N PRO B 180 3.54 3.21 -15.70
CA PRO B 180 4.01 3.62 -17.03
C PRO B 180 3.61 5.00 -17.53
N LEU B 181 2.58 5.59 -16.93
CA LEU B 181 2.04 6.88 -17.35
C LEU B 181 2.52 8.06 -16.53
N THR B 182 3.46 7.82 -15.62
CA THR B 182 4.01 8.86 -14.76
C THR B 182 4.51 10.07 -15.56
N GLY B 183 4.22 11.26 -15.06
CA GLY B 183 4.66 12.47 -15.75
C GLY B 183 3.74 13.00 -16.84
N LEU B 184 2.81 12.17 -17.33
CA LEU B 184 1.89 12.61 -18.38
C LEU B 184 0.68 13.39 -17.87
N THR B 185 0.31 14.44 -18.60
CA THR B 185 -0.87 15.21 -18.24
C THR B 185 -2.04 14.49 -18.95
N LYS B 186 -3.28 14.85 -18.62
CA LYS B 186 -4.45 14.22 -19.22
C LYS B 186 -4.45 14.37 -20.76
N ARG B 187 -4.19 15.59 -21.21
CA ARG B 187 -4.18 15.88 -22.64
C ARG B 187 -3.00 15.17 -23.35
N GLN B 188 -1.85 15.03 -22.67
CA GLN B 188 -0.72 14.34 -23.29
C GLN B 188 -1.04 12.85 -23.48
N GLY B 189 -1.80 12.28 -22.56
CA GLY B 189 -2.19 10.88 -22.62
C GLY B 189 -3.13 10.64 -23.78
N ARG B 190 -3.96 11.65 -24.05
CA ARG B 190 -4.92 11.64 -25.16
C ARG B 190 -4.13 11.61 -26.47
N THR B 191 -3.04 12.37 -26.50
CA THR B 191 -2.16 12.45 -27.66
C THR B 191 -1.50 11.11 -27.95
N LEU B 192 -1.10 10.41 -26.89
CA LEU B 192 -0.48 9.09 -27.04
C LEU B 192 -1.52 8.10 -27.56
N LEU B 193 -2.74 8.19 -27.04
CA LEU B 193 -3.80 7.31 -27.51
C LEU B 193 -4.10 7.53 -28.99
N LYS B 194 -4.12 8.80 -29.42
CA LYS B 194 -4.36 9.13 -30.82
C LYS B 194 -3.26 8.52 -31.66
N GLU B 195 -2.01 8.74 -31.23
CA GLU B 195 -0.84 8.23 -31.90
C GLU B 195 -0.90 6.71 -32.01
N LEU B 196 -1.41 6.05 -30.98
CA LEU B 196 -1.53 4.59 -30.97
C LEU B 196 -2.66 4.13 -31.89
N GLY B 197 -3.52 5.06 -32.31
CA GLY B 197 -4.61 4.73 -33.21
C GLY B 197 -5.85 4.19 -32.51
N ALA B 198 -6.12 4.70 -31.31
CA ALA B 198 -7.28 4.29 -30.55
C ALA B 198 -8.51 5.01 -31.06
N PRO B 199 -9.67 4.35 -31.03
CA PRO B 199 -10.90 5.00 -31.49
C PRO B 199 -11.21 6.18 -30.57
N GLU B 200 -11.66 7.29 -31.16
CA GLU B 200 -11.98 8.52 -30.43
C GLU B 200 -12.86 8.34 -29.21
N ARG B 201 -13.75 7.37 -29.24
CA ARG B 201 -14.66 7.10 -28.13
C ARG B 201 -13.90 6.80 -26.85
N LEU B 202 -12.67 6.33 -26.99
CA LEU B 202 -11.84 5.98 -25.84
C LEU B 202 -11.09 7.16 -25.22
N TYR B 203 -10.68 8.14 -26.02
CA TYR B 203 -9.97 9.27 -25.46
C TYR B 203 -10.71 10.60 -25.48
N LEU B 204 -12.03 10.57 -25.67
CA LEU B 204 -12.83 11.79 -25.70
C LEU B 204 -14.13 11.57 -24.92
N ILE B 226 -11.78 22.05 -10.69
CA ILE B 226 -11.49 23.07 -11.76
C ILE B 226 -11.49 22.29 -13.08
N SER B 227 -11.29 23.01 -14.18
CA SER B 227 -11.26 22.38 -15.50
C SER B 227 -10.06 21.42 -15.56
N TYR B 228 -10.31 20.20 -16.02
CA TYR B 228 -9.26 19.21 -16.17
C TYR B 228 -8.20 19.73 -17.16
N ASP B 229 -8.61 20.61 -18.07
CA ASP B 229 -7.68 21.18 -19.05
C ASP B 229 -6.86 22.25 -18.35
N GLU B 230 -7.46 22.84 -17.32
CA GLU B 230 -6.78 23.86 -16.51
C GLU B 230 -5.66 23.23 -15.71
N ILE B 231 -5.93 22.05 -15.17
CA ILE B 231 -4.95 21.28 -14.40
C ILE B 231 -3.77 20.99 -15.34
N ASP B 232 -4.07 20.60 -16.57
CA ASP B 232 -3.05 20.32 -17.58
C ASP B 232 -2.20 21.55 -17.88
N ASP B 233 -2.84 22.70 -18.02
CA ASP B 233 -2.10 23.94 -18.27
C ASP B 233 -1.14 24.23 -17.12
N TYR B 234 -1.64 24.03 -15.90
CA TYR B 234 -0.83 24.27 -14.72
C TYR B 234 0.38 23.35 -14.73
N LEU B 235 0.14 22.06 -14.92
CA LEU B 235 1.20 21.07 -14.94
C LEU B 235 2.22 21.30 -16.05
N GLU B 236 1.78 21.80 -17.20
CA GLU B 236 2.70 22.05 -18.31
C GLU B 236 3.46 23.37 -18.21
N GLY B 237 3.26 24.08 -17.09
CA GLY B 237 3.96 25.34 -16.87
C GLY B 237 3.37 26.57 -17.54
N LYS B 238 2.16 26.45 -18.06
CA LYS B 238 1.50 27.57 -18.70
C LYS B 238 0.89 28.45 -17.63
N GLU B 239 0.64 29.70 -17.97
CA GLU B 239 0.06 30.65 -17.04
C GLU B 239 -1.38 30.29 -16.78
N VAL B 240 -1.78 30.33 -15.51
CA VAL B 240 -3.14 30.02 -15.12
C VAL B 240 -3.55 31.09 -14.11
N SER B 241 -4.83 31.15 -13.79
CA SER B 241 -5.29 32.13 -12.82
C SER B 241 -4.82 31.75 -11.43
N ALA B 242 -4.76 32.76 -10.56
CA ALA B 242 -4.37 32.57 -9.17
C ALA B 242 -5.36 31.59 -8.53
N LYS B 243 -6.60 31.60 -9.01
CA LYS B 243 -7.61 30.70 -8.48
C LYS B 243 -7.23 29.25 -8.76
N VAL B 244 -6.78 28.98 -9.99
CA VAL B 244 -6.39 27.63 -10.37
C VAL B 244 -5.17 27.22 -9.56
N SER B 245 -4.12 28.05 -9.60
CA SER B 245 -2.88 27.80 -8.88
C SER B 245 -3.06 27.53 -7.40
N GLU B 246 -3.73 28.46 -6.72
CA GLU B 246 -3.96 28.34 -5.29
C GLU B 246 -4.75 27.07 -4.97
N ALA B 247 -5.72 26.75 -5.82
CA ALA B 247 -6.53 25.56 -5.64
C ALA B 247 -5.71 24.28 -5.74
N LEU B 248 -4.93 24.18 -6.81
CA LEU B 248 -4.11 23.00 -7.04
C LEU B 248 -3.01 22.86 -6.02
N GLU B 249 -2.34 23.96 -5.69
CA GLU B 249 -1.25 23.90 -4.73
C GLU B 249 -1.71 23.50 -3.32
N LYS B 250 -2.95 23.87 -2.97
CA LYS B 250 -3.52 23.54 -1.68
C LYS B 250 -3.88 22.05 -1.66
N ARG B 251 -4.56 21.59 -2.71
CA ARG B 251 -4.94 20.18 -2.84
C ARG B 251 -3.68 19.30 -2.92
N TYR B 252 -2.64 19.78 -3.59
CA TYR B 252 -1.39 19.06 -3.70
C TYR B 252 -0.75 18.82 -2.32
N SER B 253 -0.59 19.87 -1.53
CA SER B 253 0.01 19.68 -0.22
C SER B 253 -0.89 18.81 0.65
N MET B 254 -2.21 18.93 0.50
CA MET B 254 -3.12 18.11 1.31
C MET B 254 -3.05 16.63 0.97
N THR B 255 -2.63 16.31 -0.25
CA THR B 255 -2.56 14.90 -0.65
C THR B 255 -1.15 14.31 -0.73
N GLU B 256 -0.17 15.01 -0.15
CA GLU B 256 1.21 14.53 -0.20
C GLU B 256 1.31 13.11 0.38
N HIS B 257 0.47 12.82 1.36
CA HIS B 257 0.46 11.52 2.01
C HIS B 257 0.15 10.38 1.05
N LYS B 258 -0.52 10.69 -0.06
CA LYS B 258 -0.85 9.65 -1.01
C LYS B 258 0.31 9.36 -1.95
N ARG B 259 1.27 10.28 -2.01
CA ARG B 259 2.40 10.12 -2.92
C ARG B 259 3.71 9.76 -2.21
N GLN B 260 3.61 9.43 -0.93
CA GLN B 260 4.78 9.04 -0.14
C GLN B 260 4.48 7.73 0.57
N VAL B 261 5.52 7.06 1.06
CA VAL B 261 5.33 5.83 1.84
C VAL B 261 4.76 6.33 3.19
N PRO B 262 4.15 5.45 4.01
CA PRO B 262 3.60 5.94 5.29
C PRO B 262 4.58 6.78 6.08
N ALA B 263 4.07 7.86 6.65
CA ALA B 263 4.88 8.79 7.42
C ALA B 263 5.48 8.22 8.69
N SER B 264 6.67 8.67 9.03
CA SER B 264 7.32 8.27 10.27
C SER B 264 7.85 9.58 10.83
N MET B 265 8.30 9.56 12.09
CA MET B 265 8.83 10.75 12.72
C MET B 265 10.11 11.25 12.05
N PHE B 266 10.73 10.40 11.23
CA PHE B 266 11.97 10.78 10.54
C PHE B 266 11.67 11.47 9.23
N ASP B 267 10.40 11.56 8.85
CA ASP B 267 10.03 12.21 7.61
C ASP B 267 9.68 13.67 7.87
N ASP B 268 9.98 14.50 6.90
CA ASP B 268 9.81 15.95 6.97
C ASP B 268 8.65 16.53 6.15
N TRP B 269 8.33 15.87 5.04
CA TRP B 269 7.28 16.36 4.13
C TRP B 269 5.92 16.67 4.74
N TRP B 270 5.61 16.06 5.87
CA TRP B 270 4.30 16.24 6.51
C TRP B 270 4.14 17.41 7.46
N LYS B 271 5.26 18.03 7.81
CA LYS B 271 5.24 19.16 8.71
C LYS B 271 4.89 20.49 8.04
#